data_4ZZY
#
_entry.id   4ZZY
#
_cell.length_a   74.377
_cell.length_b   74.377
_cell.length_c   148.463
_cell.angle_alpha   90.00
_cell.angle_beta   90.00
_cell.angle_gamma   90.00
#
_symmetry.space_group_name_H-M   'P 43 21 2'
#
loop_
_entity.id
_entity.type
_entity.pdbx_description
1 polymer 'POLY [ADP-RIBOSE] POLYMERASE 2'
2 non-polymer 2-[1-(4,4-Difluorocyclohexyl)-piperidin-4-yl]-6-fluoro-3-oxo-2,3-dihydro-1H-isoindole-4-carboxamide
3 water water
#
_entity_poly.entity_id   1
_entity_poly.type   'polypeptide(L)'
_entity_poly.pdbx_seq_one_letter_code
;GPSLKSPLKPESQLDLRVQELIKLICNVQAMEEMMMEMKYNTKKAPLGKLTVAQIKAGYQSLKKIEDCIRAGQHGRALME
ACNEFYTRIPHDFGLRTPPLIRTQKELSEKIQLLEALGDIEIAIKLVKTELQSPEHPLDQHYRNLHCALRPLDHESYEFK
VISQYLQSTHAPTHSDYTMTLLDLFEVEKDGEKEAFREDLHNRMLLWHGSRMSNWVGILSHGLRIAPPEAPITGYMFGKG
IYFADMSSKSANYCFASRLKNTGLLLLSEVALGQCNELLEANPKAEGLLQGKHSTKGLGKMAPSSAHFVTLNGSTVPLGP
ASDTGILNPDGYTLNYNEYIVYNPNQVRMRYLLKVQFNFLQLW
;
_entity_poly.pdbx_strand_id   A
#
loop_
_chem_comp.id
_chem_comp.type
_chem_comp.name
_chem_comp.formula
D7N non-polymer 2-[1-(4,4-Difluorocyclohexyl)-piperidin-4-yl]-6-fluoro-3-oxo-2,3-dihydro-1H-isoindole-4-carboxamide 'C20 H24 F3 N3 O2'
#
# COMPACT_ATOMS: atom_id res chain seq x y z
N GLU A 11 32.71 6.43 -1.56
CA GLU A 11 31.84 5.74 -2.60
C GLU A 11 31.05 4.56 -2.04
N SER A 12 29.94 4.30 -2.72
CA SER A 12 28.97 3.35 -2.20
C SER A 12 29.46 1.91 -2.39
N GLN A 13 29.27 1.09 -1.36
CA GLN A 13 29.62 -0.32 -1.41
C GLN A 13 28.44 -1.19 -1.91
N LEU A 14 27.31 -0.53 -2.21
CA LEU A 14 26.11 -1.27 -2.65
C LEU A 14 26.17 -1.62 -4.11
N ASP A 15 25.54 -2.74 -4.47
CA ASP A 15 25.24 -2.99 -5.89
C ASP A 15 24.53 -1.79 -6.52
N LEU A 16 24.78 -1.53 -7.79
CA LEU A 16 24.28 -0.32 -8.41
C LEU A 16 22.77 -0.29 -8.50
N ARG A 17 22.15 -1.47 -8.66
CA ARG A 17 20.75 -1.58 -8.80
C ARG A 17 20.08 -1.18 -7.45
N VAL A 18 20.67 -1.61 -6.35
CA VAL A 18 20.22 -1.20 -4.98
C VAL A 18 20.39 0.34 -4.75
N GLN A 19 21.50 0.91 -5.22
CA GLN A 19 21.74 2.35 -5.09
C GLN A 19 20.63 3.12 -5.74
N GLU A 20 20.24 2.75 -6.95
CA GLU A 20 19.12 3.42 -7.59
C GLU A 20 17.81 3.22 -6.86
N LEU A 21 17.60 2.03 -6.33
CA LEU A 21 16.36 1.80 -5.63
C LEU A 21 16.29 2.72 -4.39
N ILE A 22 17.33 2.69 -3.56
CA ILE A 22 17.46 3.50 -2.35
C ILE A 22 17.33 5.00 -2.66
N LYS A 23 18.01 5.48 -3.69
CA LYS A 23 17.96 6.93 -4.01
C LYS A 23 16.53 7.37 -4.35
N LEU A 24 15.83 6.50 -5.05
CA LEU A 24 14.44 6.72 -5.40
C LEU A 24 13.51 6.79 -4.19
N ILE A 25 13.55 5.80 -3.29
CA ILE A 25 12.54 5.81 -2.21
C ILE A 25 12.89 6.73 -1.06
N CYS A 26 14.17 7.01 -0.88
CA CYS A 26 14.59 7.89 0.22
C CYS A 26 14.54 9.40 -0.17
N ASN A 27 13.85 9.73 -1.24
CA ASN A 27 13.82 11.11 -1.71
C ASN A 27 12.84 11.93 -0.92
N VAL A 28 13.36 12.84 -0.11
CA VAL A 28 12.56 13.71 0.82
C VAL A 28 11.63 14.65 0.04
N GLN A 29 12.17 15.35 -0.94
CA GLN A 29 11.30 16.22 -1.79
C GLN A 29 10.02 15.50 -2.18
N ALA A 30 10.19 14.30 -2.71
CA ALA A 30 9.07 13.49 -3.21
C ALA A 30 8.03 13.24 -2.08
N MET A 31 8.47 13.07 -0.84
CA MET A 31 7.52 12.98 0.27
C MET A 31 6.77 14.32 0.57
N GLU A 32 7.51 15.43 0.56
CA GLU A 32 6.94 16.78 0.67
C GLU A 32 5.87 17.03 -0.39
N GLU A 33 6.22 16.74 -1.65
CA GLU A 33 5.33 16.96 -2.80
C GLU A 33 4.06 16.10 -2.76
N MET A 34 4.17 14.89 -2.27
CA MET A 34 3.01 14.04 -2.06
C MET A 34 2.11 14.60 -0.95
N MET A 35 2.70 15.15 0.11
CA MET A 35 1.86 15.76 1.12
C MET A 35 1.21 17.02 0.58
N MET A 36 1.97 17.79 -0.21
CA MET A 36 1.47 19.06 -0.77
C MET A 36 0.30 18.86 -1.70
N GLU A 37 0.30 17.73 -2.38
CA GLU A 37 -0.82 17.35 -3.23
C GLU A 37 -2.07 17.13 -2.42
N MET A 38 -1.92 16.74 -1.16
CA MET A 38 -3.05 16.54 -0.26
C MET A 38 -3.26 17.79 0.61
N LYS A 39 -2.71 18.92 0.14
CA LYS A 39 -2.78 20.22 0.77
C LYS A 39 -2.18 20.28 2.17
N TYR A 40 -1.18 19.45 2.43
CA TYR A 40 -0.42 19.62 3.64
C TYR A 40 0.96 20.18 3.32
N ASN A 41 1.27 21.35 3.90
CA ASN A 41 2.58 21.96 3.75
C ASN A 41 3.55 21.61 4.87
N THR A 42 4.50 20.73 4.59
CA THR A 42 5.45 20.33 5.62
C THR A 42 6.39 21.46 6.00
N LYS A 43 6.63 22.39 5.09
CA LYS A 43 7.46 23.56 5.43
C LYS A 43 6.71 24.55 6.31
N LYS A 44 5.54 25.00 5.88
CA LYS A 44 4.72 25.88 6.72
C LYS A 44 4.32 25.22 8.03
N ALA A 45 4.27 23.89 8.09
CA ALA A 45 3.81 23.18 9.34
C ALA A 45 4.55 21.85 9.65
N PRO A 46 5.72 21.94 10.32
CA PRO A 46 6.62 20.80 10.48
C PRO A 46 5.95 19.63 11.17
N LEU A 47 6.26 18.44 10.64
CA LEU A 47 5.57 17.26 11.10
C LEU A 47 5.90 17.06 12.54
N GLY A 48 7.10 17.52 12.93
CA GLY A 48 7.58 17.26 14.27
C GLY A 48 6.75 17.89 15.37
N LYS A 49 5.94 18.87 15.00
CA LYS A 49 5.10 19.59 15.96
C LYS A 49 3.65 19.07 16.15
N LEU A 50 3.26 18.05 15.37
CA LEU A 50 1.92 17.50 15.51
C LEU A 50 1.83 16.77 16.83
N THR A 51 0.72 16.90 17.54
CA THR A 51 0.64 16.17 18.79
C THR A 51 -0.16 14.92 18.62
N VAL A 52 0.06 13.96 19.50
CA VAL A 52 -0.81 12.81 19.57
C VAL A 52 -2.27 13.26 19.68
N ALA A 53 -2.55 14.28 20.52
CA ALA A 53 -3.94 14.60 20.79
C ALA A 53 -4.52 15.33 19.59
N GLN A 54 -3.67 16.04 18.85
CA GLN A 54 -4.11 16.77 17.65
C GLN A 54 -4.60 15.83 16.53
N ILE A 55 -3.80 14.80 16.27
CA ILE A 55 -4.11 13.74 15.35
C ILE A 55 -5.41 13.03 15.76
N LYS A 56 -5.58 12.74 17.06
CA LYS A 56 -6.83 12.10 17.56
C LYS A 56 -8.09 12.98 17.33
N ALA A 57 -7.94 14.28 17.55
CA ALA A 57 -8.99 15.23 17.28
C ALA A 57 -9.33 15.31 15.79
N GLY A 58 -8.32 15.22 14.95
CA GLY A 58 -8.54 15.14 13.52
C GLY A 58 -9.37 13.94 13.10
N TYR A 59 -9.09 12.76 13.63
CA TYR A 59 -9.92 11.59 13.35
C TYR A 59 -11.34 11.81 13.87
N GLN A 60 -11.43 12.39 15.06
CA GLN A 60 -12.73 12.67 15.61
C GLN A 60 -13.59 13.52 14.62
N SER A 61 -13.02 14.52 13.99
CA SER A 61 -13.75 15.38 13.05
C SER A 61 -14.03 14.64 11.73
N LEU A 62 -13.10 13.79 11.31
CA LEU A 62 -13.34 12.95 10.12
C LEU A 62 -14.48 12.01 10.39
N LYS A 63 -14.62 11.53 11.61
CA LYS A 63 -15.81 10.73 11.96
C LYS A 63 -17.09 11.53 11.78
N LYS A 64 -17.14 12.79 12.23
CA LYS A 64 -18.34 13.62 12.05
C LYS A 64 -18.62 13.86 10.56
N ILE A 65 -17.56 13.99 9.77
CA ILE A 65 -17.70 14.15 8.34
C ILE A 65 -18.27 12.85 7.74
N GLU A 66 -17.76 11.70 8.16
CA GLU A 66 -18.21 10.42 7.62
C GLU A 66 -19.71 10.27 7.95
N ASP A 67 -20.09 10.58 9.19
CA ASP A 67 -21.51 10.55 9.62
C ASP A 67 -22.40 11.37 8.71
N CYS A 68 -22.05 12.62 8.49
CA CYS A 68 -22.75 13.45 7.49
C CYS A 68 -22.85 12.76 6.13
N ILE A 69 -21.73 12.26 5.61
CA ILE A 69 -21.67 11.69 4.25
C ILE A 69 -22.52 10.43 4.11
N ARG A 70 -22.33 9.46 4.99
CA ARG A 70 -23.21 8.26 5.01
C ARG A 70 -24.70 8.57 5.13
N ALA A 71 -25.07 9.73 5.66
CA ALA A 71 -26.49 10.08 5.73
C ALA A 71 -26.92 11.10 4.68
N GLY A 72 -26.08 11.35 3.68
CA GLY A 72 -26.41 12.28 2.62
C GLY A 72 -26.56 13.73 3.04
N GLN A 73 -25.97 14.12 4.18
CA GLN A 73 -26.09 15.53 4.69
C GLN A 73 -24.93 16.42 4.26
N HIS A 74 -25.18 17.30 3.29
CA HIS A 74 -24.14 18.09 2.65
C HIS A 74 -24.23 19.57 2.94
N GLY A 75 -25.08 19.92 3.87
CA GLY A 75 -25.33 21.33 4.10
C GLY A 75 -24.50 21.79 5.27
N ARG A 76 -25.18 22.33 6.27
CA ARG A 76 -24.51 23.10 7.28
C ARG A 76 -23.73 22.20 8.24
N ALA A 77 -24.31 21.10 8.67
CA ALA A 77 -23.56 20.18 9.57
C ALA A 77 -22.22 19.75 8.94
N LEU A 78 -22.21 19.54 7.65
CA LEU A 78 -21.00 19.10 7.01
C LEU A 78 -19.97 20.25 6.98
N MET A 79 -20.44 21.44 6.69
CA MET A 79 -19.54 22.54 6.57
C MET A 79 -18.89 22.80 7.91
N GLU A 80 -19.63 22.73 9.00
CA GLU A 80 -19.02 22.91 10.32
C GLU A 80 -18.00 21.81 10.69
N ALA A 81 -18.29 20.56 10.32
CA ALA A 81 -17.40 19.45 10.63
C ALA A 81 -16.07 19.62 9.88
N CYS A 82 -16.12 20.00 8.60
CA CYS A 82 -14.97 20.38 7.79
C CYS A 82 -14.20 21.55 8.37
N ASN A 83 -14.88 22.62 8.80
CA ASN A 83 -14.17 23.72 9.52
C ASN A 83 -13.45 23.26 10.78
N GLU A 84 -14.05 22.35 11.52
CA GLU A 84 -13.46 21.81 12.71
C GLU A 84 -12.25 20.92 12.32
N PHE A 85 -12.40 20.12 11.29
CA PHE A 85 -11.22 19.41 10.77
C PHE A 85 -10.02 20.34 10.34
N TYR A 86 -10.30 21.34 9.50
CA TYR A 86 -9.27 22.34 9.10
C TYR A 86 -8.73 23.16 10.25
N THR A 87 -9.49 23.23 11.32
CA THR A 87 -8.99 23.93 12.51
C THR A 87 -7.90 23.07 13.16
N ARG A 88 -8.20 21.79 13.32
CA ARG A 88 -7.33 20.92 14.05
C ARG A 88 -6.11 20.56 13.21
N ILE A 89 -6.26 20.45 11.90
CA ILE A 89 -5.13 20.01 11.06
C ILE A 89 -4.77 21.07 10.01
N PRO A 90 -3.56 21.65 10.14
CA PRO A 90 -3.20 22.79 9.32
C PRO A 90 -3.08 22.40 7.87
N HIS A 91 -3.77 23.10 6.99
CA HIS A 91 -3.72 22.79 5.57
C HIS A 91 -3.23 24.01 4.86
N ASP A 92 -2.80 23.87 3.62
CA ASP A 92 -2.42 25.03 2.85
C ASP A 92 -3.08 25.00 1.49
N PHE A 93 -3.99 25.94 1.33
CA PHE A 93 -4.90 25.98 0.21
C PHE A 93 -4.52 27.01 -0.85
N GLY A 94 -3.31 27.58 -0.72
CA GLY A 94 -2.97 28.86 -1.32
C GLY A 94 -4.02 29.88 -0.93
N LEU A 95 -4.68 30.45 -1.93
CA LEU A 95 -5.71 31.46 -1.70
C LEU A 95 -7.10 30.88 -1.32
N ARG A 96 -7.51 29.83 -2.04
CA ARG A 96 -8.92 29.43 -2.16
C ARG A 96 -9.70 29.12 -0.89
N THR A 97 -11.03 29.13 -1.03
CA THR A 97 -11.95 28.63 -0.01
C THR A 97 -11.64 27.16 0.15
N PRO A 98 -11.33 26.74 1.39
CA PRO A 98 -11.15 25.32 1.75
C PRO A 98 -12.34 24.55 1.24
N PRO A 99 -12.11 23.47 0.47
CA PRO A 99 -13.30 22.82 -0.07
C PRO A 99 -13.96 21.87 0.94
N LEU A 100 -15.22 21.59 0.69
CA LEU A 100 -15.99 20.67 1.49
C LEU A 100 -15.55 19.26 1.22
N ILE A 101 -15.49 18.44 2.26
CA ILE A 101 -15.18 17.04 2.11
C ILE A 101 -16.50 16.31 1.93
N ARG A 102 -16.75 15.89 0.69
CA ARG A 102 -18.11 15.55 0.30
C ARG A 102 -18.35 14.14 -0.12
N THR A 103 -17.34 13.50 -0.69
CA THR A 103 -17.48 12.11 -1.13
C THR A 103 -16.54 11.19 -0.38
N GLN A 104 -16.69 9.90 -0.66
CA GLN A 104 -15.91 8.86 -0.02
C GLN A 104 -14.47 8.99 -0.43
N LYS A 105 -14.21 9.35 -1.68
CA LYS A 105 -12.83 9.52 -2.12
C LYS A 105 -12.10 10.64 -1.36
N GLU A 106 -12.79 11.76 -1.12
CA GLU A 106 -12.17 12.89 -0.45
C GLU A 106 -12.01 12.61 1.02
N LEU A 107 -13.01 11.98 1.63
CA LEU A 107 -12.89 11.54 3.00
C LEU A 107 -11.65 10.65 3.15
N SER A 108 -11.60 9.63 2.31
CA SER A 108 -10.63 8.60 2.44
C SER A 108 -9.21 9.19 2.27
N GLU A 109 -9.05 10.15 1.36
CA GLU A 109 -7.78 10.88 1.20
C GLU A 109 -7.34 11.53 2.53
N LYS A 110 -8.27 12.21 3.19
CA LYS A 110 -8.02 12.75 4.53
C LYS A 110 -7.62 11.74 5.58
N ILE A 111 -8.27 10.59 5.53
CA ILE A 111 -7.99 9.51 6.48
C ILE A 111 -6.59 8.99 6.22
N GLN A 112 -6.25 8.78 4.97
CA GLN A 112 -4.87 8.36 4.68
C GLN A 112 -3.81 9.45 5.01
N LEU A 113 -4.13 10.71 4.74
CA LEU A 113 -3.30 11.81 5.10
C LEU A 113 -2.86 11.72 6.58
N LEU A 114 -3.80 11.44 7.47
CA LEU A 114 -3.55 11.45 8.90
C LEU A 114 -2.56 10.39 9.31
N GLU A 115 -2.69 9.24 8.71
CA GLU A 115 -1.75 8.16 8.94
C GLU A 115 -0.35 8.52 8.38
N ALA A 116 -0.31 9.05 7.15
CA ALA A 116 0.95 9.44 6.52
C ALA A 116 1.71 10.53 7.29
N LEU A 117 1.02 11.42 8.02
CA LEU A 117 1.73 12.46 8.83
C LEU A 117 2.74 11.85 9.83
N GLY A 118 2.28 10.89 10.62
CA GLY A 118 3.18 10.13 11.52
C GLY A 118 4.16 9.28 10.70
N ASP A 119 3.70 8.63 9.63
CA ASP A 119 4.60 7.77 8.86
C ASP A 119 5.75 8.52 8.14
N ILE A 120 5.41 9.55 7.40
CA ILE A 120 6.41 10.38 6.77
C ILE A 120 7.37 11.01 7.77
N GLU A 121 6.86 11.47 8.91
CA GLU A 121 7.75 12.02 9.93
C GLU A 121 8.85 11.02 10.35
N ILE A 122 8.46 9.78 10.59
CA ILE A 122 9.45 8.75 10.95
C ILE A 122 10.38 8.37 9.76
N ALA A 123 9.86 8.45 8.54
CA ALA A 123 10.69 8.15 7.38
C ALA A 123 11.75 9.23 7.19
N ILE A 124 11.40 10.48 7.46
CA ILE A 124 12.38 11.55 7.27
C ILE A 124 13.49 11.49 8.34
N LYS A 125 13.12 11.11 9.57
CA LYS A 125 14.13 10.81 10.62
C LYS A 125 15.06 9.66 10.19
N LEU A 126 14.55 8.75 9.40
CA LEU A 126 15.28 7.56 9.01
C LEU A 126 16.39 7.89 8.06
N VAL A 127 16.15 8.87 7.19
CA VAL A 127 17.14 9.21 6.18
C VAL A 127 18.27 10.12 6.70
N LYS A 128 18.22 10.56 7.96
CA LYS A 128 19.30 11.40 8.54
C LYS A 128 20.60 10.59 8.61
N THR A 129 21.65 11.08 7.98
CA THR A 129 22.99 10.49 8.10
C THR A 129 23.68 10.85 9.39
N GLU A 130 24.69 10.08 9.77
CA GLU A 130 25.35 10.31 11.03
C GLU A 130 26.20 11.59 11.01
N LEU A 131 26.33 12.27 12.16
CA LEU A 131 27.15 13.49 12.25
C LEU A 131 28.53 13.36 11.55
N GLN A 132 29.27 12.33 11.93
CA GLN A 132 30.56 12.10 11.38
C GLN A 132 30.44 10.67 10.88
N SER A 133 31.03 10.41 9.72
CA SER A 133 30.97 9.11 9.04
C SER A 133 31.40 9.47 7.66
N PRO A 134 32.29 8.65 7.07
CA PRO A 134 32.83 8.92 5.73
C PRO A 134 31.97 8.19 4.67
N GLU A 135 31.25 7.17 5.18
CA GLU A 135 30.32 6.36 4.41
C GLU A 135 29.32 7.10 3.52
N HIS A 136 29.15 6.58 2.33
CA HIS A 136 28.24 7.14 1.38
C HIS A 136 26.82 7.15 1.91
N PRO A 137 26.09 8.25 1.69
CA PRO A 137 24.75 8.33 2.28
C PRO A 137 23.79 7.18 1.85
N LEU A 138 23.92 6.74 0.62
CA LEU A 138 23.17 5.58 0.13
C LEU A 138 23.33 4.38 1.03
N ASP A 139 24.58 4.14 1.47
CA ASP A 139 24.81 2.96 2.33
C ASP A 139 24.21 3.19 3.68
N GLN A 140 24.17 4.44 4.14
CA GLN A 140 23.56 4.67 5.46
C GLN A 140 22.06 4.51 5.36
N HIS A 141 21.46 5.12 4.34
CA HIS A 141 20.02 4.95 4.13
C HIS A 141 19.66 3.49 4.07
N TYR A 142 20.47 2.69 3.39
CA TYR A 142 20.17 1.32 3.17
C TYR A 142 20.24 0.60 4.48
N ARG A 143 21.34 0.80 5.19
CA ARG A 143 21.47 0.19 6.51
C ARG A 143 20.28 0.53 7.45
N ASN A 144 19.91 1.80 7.49
CA ASN A 144 18.84 2.24 8.36
C ASN A 144 17.49 1.58 8.11
N LEU A 145 17.24 1.07 6.90
CA LEU A 145 15.98 0.31 6.61
C LEU A 145 15.90 -1.02 7.33
N HIS A 146 17.05 -1.65 7.61
CA HIS A 146 17.06 -2.97 8.24
C HIS A 146 16.28 -3.99 7.42
N CYS A 147 16.55 -3.99 6.13
CA CYS A 147 15.82 -4.83 5.22
C CYS A 147 16.78 -5.18 4.06
N ALA A 148 17.18 -6.44 3.95
CA ALA A 148 18.10 -6.83 2.86
C ALA A 148 17.37 -6.77 1.48
N LEU A 149 18.01 -6.16 0.45
CA LEU A 149 17.42 -6.05 -0.88
C LEU A 149 18.41 -6.57 -1.90
N ARG A 150 18.13 -7.76 -2.41
CA ARG A 150 19.11 -8.51 -3.15
C ARG A 150 18.72 -8.51 -4.61
N PRO A 151 19.45 -7.78 -5.47
CA PRO A 151 19.00 -7.74 -6.88
C PRO A 151 19.17 -9.12 -7.59
N LEU A 152 18.19 -9.52 -8.42
CA LEU A 152 18.28 -10.78 -9.21
C LEU A 152 18.57 -10.43 -10.67
N ASP A 153 19.30 -11.28 -11.38
CA ASP A 153 19.51 -11.06 -12.84
C ASP A 153 18.27 -11.38 -13.66
N HIS A 154 18.12 -10.63 -14.74
CA HIS A 154 17.01 -10.74 -15.65
C HIS A 154 16.95 -12.09 -16.30
N GLU A 155 18.07 -12.79 -16.41
CA GLU A 155 17.98 -14.11 -17.10
C GLU A 155 17.66 -15.26 -16.17
N SER A 156 17.71 -14.98 -14.86
CA SER A 156 17.42 -16.03 -13.88
C SER A 156 15.94 -16.50 -13.94
N TYR A 157 15.75 -17.77 -13.60
CA TYR A 157 14.45 -18.39 -13.45
C TYR A 157 13.44 -17.54 -12.62
N GLU A 158 13.90 -17.05 -11.47
CA GLU A 158 13.01 -16.31 -10.55
C GLU A 158 12.46 -15.04 -11.21
N PHE A 159 13.32 -14.34 -11.96
CA PHE A 159 12.90 -13.12 -12.65
C PHE A 159 11.90 -13.42 -13.76
N LYS A 160 12.16 -14.48 -14.54
CA LYS A 160 11.22 -14.95 -15.54
C LYS A 160 9.88 -15.31 -14.96
N VAL A 161 9.83 -16.08 -13.88
CA VAL A 161 8.56 -16.44 -13.18
C VAL A 161 7.81 -15.19 -12.69
N ILE A 162 8.53 -14.31 -11.99
CA ILE A 162 7.89 -13.09 -11.50
C ILE A 162 7.36 -12.23 -12.63
N SER A 163 8.10 -12.08 -13.73
CA SER A 163 7.62 -11.38 -14.92
C SER A 163 6.38 -11.97 -15.54
N GLN A 164 6.30 -13.29 -15.62
CA GLN A 164 5.07 -13.95 -16.03
C GLN A 164 3.91 -13.62 -15.13
N TYR A 165 4.14 -13.64 -13.82
CA TYR A 165 3.09 -13.39 -12.86
C TYR A 165 2.66 -11.93 -12.99
N LEU A 166 3.63 -11.01 -13.10
CA LEU A 166 3.32 -9.60 -13.40
C LEU A 166 2.49 -9.50 -14.72
N GLN A 167 2.97 -10.12 -15.79
CA GLN A 167 2.29 -9.87 -17.09
C GLN A 167 0.97 -10.65 -17.18
N SER A 168 1.01 -11.95 -16.89
CA SER A 168 -0.19 -12.86 -16.94
C SER A 168 -1.35 -12.38 -16.07
N THR A 169 -1.09 -11.67 -14.96
CA THR A 169 -2.22 -11.17 -14.10
C THR A 169 -2.52 -9.64 -14.15
N HIS A 170 -2.06 -8.97 -15.17
CA HIS A 170 -2.48 -7.64 -15.50
C HIS A 170 -3.90 -7.69 -16.09
N ALA A 171 -4.91 -7.30 -15.32
CA ALA A 171 -6.33 -7.28 -15.74
C ALA A 171 -6.59 -6.70 -17.14
N PRO A 172 -7.53 -7.32 -17.88
CA PRO A 172 -7.81 -6.86 -19.26
C PRO A 172 -8.54 -5.50 -19.21
N THR A 173 -9.16 -5.21 -18.06
CA THR A 173 -9.86 -3.97 -17.81
C THR A 173 -9.00 -2.84 -17.21
N HIS A 174 -7.67 -2.97 -17.23
CA HIS A 174 -6.74 -1.93 -16.78
C HIS A 174 -5.83 -1.71 -17.97
N SER A 175 -6.44 -1.26 -19.06
CA SER A 175 -5.75 -1.22 -20.32
C SER A 175 -5.12 0.16 -20.60
N ASP A 176 -5.25 1.08 -19.64
CA ASP A 176 -4.65 2.43 -19.74
C ASP A 176 -3.09 2.49 -19.68
N TYR A 177 -2.46 1.36 -19.27
CA TYR A 177 -0.99 1.21 -19.32
C TYR A 177 -0.52 -0.25 -19.42
N THR A 178 0.72 -0.46 -19.83
CA THR A 178 1.41 -1.75 -19.72
C THR A 178 2.39 -1.56 -18.54
N MET A 179 3.19 -2.57 -18.22
CA MET A 179 4.20 -2.42 -17.16
C MET A 179 5.44 -3.12 -17.63
N THR A 180 6.60 -2.54 -17.40
CA THR A 180 7.85 -3.24 -17.64
C THR A 180 8.56 -3.44 -16.27
N LEU A 181 9.11 -4.65 -16.09
CA LEU A 181 9.92 -4.95 -14.95
C LEU A 181 11.35 -4.42 -15.16
N LEU A 182 11.73 -3.38 -14.43
CA LEU A 182 13.09 -2.84 -14.58
C LEU A 182 14.09 -3.64 -13.75
N ASP A 183 13.74 -4.00 -12.50
CA ASP A 183 14.63 -4.77 -11.62
C ASP A 183 13.78 -5.46 -10.54
N LEU A 184 14.33 -6.48 -9.92
CA LEU A 184 13.61 -7.35 -9.01
C LEU A 184 14.57 -7.58 -7.87
N PHE A 185 14.12 -7.38 -6.65
CA PHE A 185 15.00 -7.53 -5.47
C PHE A 185 14.36 -8.58 -4.59
N GLU A 186 15.13 -9.49 -4.02
CA GLU A 186 14.56 -10.44 -3.09
C GLU A 186 14.66 -9.69 -1.76
N VAL A 187 13.68 -9.83 -0.87
CA VAL A 187 13.59 -8.98 0.30
C VAL A 187 13.77 -9.88 1.50
N GLU A 188 14.59 -9.46 2.46
CA GLU A 188 14.68 -10.18 3.74
C GLU A 188 14.59 -9.21 4.89
N LYS A 189 13.39 -9.02 5.45
CA LYS A 189 13.15 -7.99 6.45
C LYS A 189 13.52 -8.59 7.77
N ASP A 190 14.31 -7.88 8.58
CA ASP A 190 14.81 -8.41 9.84
C ASP A 190 13.64 -8.78 10.70
N GLY A 191 13.70 -9.93 11.36
CA GLY A 191 12.61 -10.36 12.26
C GLY A 191 11.38 -11.02 11.64
N GLU A 192 11.15 -10.86 10.33
CA GLU A 192 9.91 -11.39 9.76
C GLU A 192 9.90 -12.90 9.67
N LYS A 193 11.04 -13.51 9.31
CA LYS A 193 11.08 -14.98 9.22
C LYS A 193 10.71 -15.63 10.56
N GLU A 194 11.35 -15.19 11.66
CA GLU A 194 11.15 -15.72 13.00
C GLU A 194 9.74 -15.54 13.52
N ALA A 195 9.09 -14.45 13.13
CA ALA A 195 7.75 -14.15 13.62
C ALA A 195 6.63 -14.81 12.79
N PHE A 196 6.96 -15.17 11.55
CA PHE A 196 5.99 -15.69 10.57
C PHE A 196 5.27 -16.95 11.02
N ARG A 197 3.96 -17.01 10.74
CA ARG A 197 3.11 -18.19 10.99
C ARG A 197 3.43 -19.24 9.97
N GLU A 198 4.62 -19.81 10.10
CA GLU A 198 5.10 -20.86 9.25
C GLU A 198 4.15 -22.07 9.22
N ASP A 199 3.47 -22.33 10.34
CA ASP A 199 2.50 -23.44 10.50
C ASP A 199 1.21 -23.40 9.60
N LEU A 200 0.81 -22.21 9.12
CA LEU A 200 -0.50 -22.07 8.51
C LEU A 200 -0.44 -22.53 7.09
N HIS A 201 -1.50 -23.25 6.69
CA HIS A 201 -1.62 -23.78 5.33
C HIS A 201 -2.07 -22.65 4.46
N ASN A 202 -2.22 -22.92 3.18
CA ASN A 202 -2.69 -21.94 2.21
C ASN A 202 -1.80 -20.69 2.11
N ARG A 203 -0.49 -20.90 1.89
CA ARG A 203 0.47 -19.82 1.83
C ARG A 203 0.57 -19.31 0.41
N MET A 204 0.33 -18.02 0.18
CA MET A 204 0.28 -17.57 -1.22
C MET A 204 1.17 -16.37 -1.43
N LEU A 205 1.68 -16.20 -2.64
CA LEU A 205 2.53 -15.08 -2.96
C LEU A 205 1.68 -14.07 -3.67
N LEU A 206 1.53 -12.90 -3.03
CA LEU A 206 0.46 -11.92 -3.38
C LEU A 206 1.01 -10.47 -3.50
N TRP A 207 0.36 -9.66 -4.32
CA TRP A 207 0.73 -8.29 -4.54
C TRP A 207 0.31 -7.28 -3.53
N HIS A 208 1.06 -6.18 -3.46
CA HIS A 208 0.71 -5.01 -2.60
C HIS A 208 1.38 -3.84 -3.25
N GLY A 209 0.56 -2.88 -3.70
CA GLY A 209 1.02 -1.73 -4.44
C GLY A 209 0.93 -0.58 -3.45
N SER A 210 1.70 0.46 -3.66
CA SER A 210 1.64 1.61 -2.72
C SER A 210 2.36 2.76 -3.35
N ARG A 211 2.09 3.97 -2.84
CA ARG A 211 2.71 5.26 -3.27
C ARG A 211 4.24 5.24 -3.05
N MET A 212 4.98 5.86 -3.94
CA MET A 212 6.44 5.88 -3.82
C MET A 212 6.99 6.28 -2.42
N SER A 213 6.28 7.16 -1.69
CA SER A 213 6.79 7.75 -0.43
C SER A 213 6.49 6.89 0.73
N ASN A 214 5.66 5.91 0.50
CA ASN A 214 5.39 4.94 1.52
C ASN A 214 6.44 3.84 1.71
N TRP A 215 7.38 3.66 0.80
CA TRP A 215 8.22 2.47 0.83
C TRP A 215 9.26 2.47 1.91
N VAL A 216 9.76 3.65 2.31
CA VAL A 216 10.71 3.72 3.39
C VAL A 216 9.99 3.14 4.61
N GLY A 217 8.74 3.54 4.82
CA GLY A 217 8.05 3.11 6.05
C GLY A 217 7.75 1.60 5.98
N ILE A 218 7.35 1.12 4.82
CA ILE A 218 7.04 -0.31 4.62
C ILE A 218 8.27 -1.18 4.76
N LEU A 219 9.41 -0.73 4.27
CA LEU A 219 10.59 -1.62 4.26
C LEU A 219 11.22 -1.61 5.63
N SER A 220 11.08 -0.51 6.37
CA SER A 220 11.60 -0.46 7.73
C SER A 220 10.61 -1.00 8.77
N HIS A 221 9.30 -0.84 8.52
CA HIS A 221 8.33 -1.39 9.51
C HIS A 221 7.51 -2.59 9.11
N GLY A 222 7.62 -3.04 7.85
CA GLY A 222 6.68 -4.04 7.36
C GLY A 222 5.30 -3.40 7.14
N LEU A 223 4.39 -4.18 6.58
CA LEU A 223 3.06 -3.69 6.29
C LEU A 223 2.29 -3.65 7.62
N ARG A 224 1.50 -2.60 7.81
CA ARG A 224 0.85 -2.40 9.16
C ARG A 224 -0.65 -2.30 9.03
N ILE A 225 -1.38 -2.79 10.01
CA ILE A 225 -2.81 -2.46 10.06
C ILE A 225 -3.02 -0.93 10.37
N ALA A 226 -4.13 -0.39 9.93
CA ALA A 226 -4.48 0.99 10.20
C ALA A 226 -4.70 1.21 11.74
N PRO A 227 -4.47 2.43 12.22
CA PRO A 227 -4.51 2.63 13.66
C PRO A 227 -5.92 2.52 14.25
N PRO A 228 -6.01 2.26 15.55
CA PRO A 228 -7.31 2.09 16.20
C PRO A 228 -8.29 3.28 15.97
N GLU A 229 -7.77 4.50 15.89
CA GLU A 229 -8.65 5.66 15.89
C GLU A 229 -9.29 5.97 14.53
N ALA A 230 -8.78 5.38 13.45
CA ALA A 230 -9.34 5.63 12.11
C ALA A 230 -10.78 5.06 11.98
N PRO A 231 -11.66 5.77 11.26
CA PRO A 231 -13.06 5.31 11.10
C PRO A 231 -13.12 3.95 10.40
N ILE A 232 -13.80 3.00 11.00
CA ILE A 232 -13.80 1.65 10.46
C ILE A 232 -14.55 1.50 9.10
N THR A 233 -15.61 2.28 8.91
CA THR A 233 -16.57 2.01 7.85
C THR A 233 -16.05 2.36 6.46
N GLY A 234 -14.86 2.96 6.41
CA GLY A 234 -14.19 3.11 5.10
C GLY A 234 -13.53 1.78 4.66
N TYR A 235 -13.12 0.97 5.63
CA TYR A 235 -12.49 -0.33 5.31
C TYR A 235 -13.45 -1.45 4.82
N MET A 236 -13.60 -1.62 3.51
CA MET A 236 -14.55 -2.64 2.97
C MET A 236 -14.48 -4.07 3.52
N PHE A 237 -13.30 -4.50 3.98
CA PHE A 237 -13.22 -5.75 4.73
C PHE A 237 -12.47 -5.64 6.03
N GLY A 238 -12.53 -4.48 6.68
CA GLY A 238 -11.90 -4.38 8.03
C GLY A 238 -10.47 -3.79 7.98
N LYS A 239 -9.85 -3.71 9.15
CA LYS A 239 -8.52 -3.15 9.37
C LYS A 239 -7.43 -4.26 9.36
N GLY A 240 -7.02 -4.64 8.16
CA GLY A 240 -5.95 -5.62 8.05
C GLY A 240 -5.07 -5.20 6.91
N ILE A 241 -4.27 -6.14 6.41
CA ILE A 241 -3.37 -5.85 5.30
C ILE A 241 -4.00 -6.50 4.05
N TYR A 242 -4.01 -5.79 2.91
CA TYR A 242 -4.81 -6.14 1.75
C TYR A 242 -3.90 -6.60 0.61
N PHE A 243 -4.22 -7.70 -0.06
CA PHE A 243 -3.35 -8.07 -1.15
C PHE A 243 -4.18 -8.37 -2.38
N ALA A 244 -3.61 -8.32 -3.56
CA ALA A 244 -4.30 -8.85 -4.74
C ALA A 244 -3.60 -10.14 -5.31
N ASP A 245 -4.29 -10.91 -6.16
CA ASP A 245 -3.64 -11.96 -6.96
C ASP A 245 -3.60 -11.45 -8.36
N MET A 246 -4.06 -10.20 -8.57
CA MET A 246 -3.90 -9.57 -9.91
C MET A 246 -2.91 -8.39 -9.84
N SER A 247 -1.83 -8.43 -10.62
CA SER A 247 -0.77 -7.43 -10.53
C SER A 247 -1.25 -6.00 -10.75
N SER A 248 -2.06 -5.80 -11.78
CA SER A 248 -2.56 -4.47 -12.12
C SER A 248 -3.54 -3.93 -11.11
N LYS A 249 -4.23 -4.80 -10.38
CA LYS A 249 -5.07 -4.25 -9.33
C LYS A 249 -4.22 -3.60 -8.22
N SER A 250 -3.23 -4.31 -7.64
CA SER A 250 -2.29 -3.61 -6.71
C SER A 250 -1.55 -2.47 -7.37
N ALA A 251 -1.14 -2.65 -8.61
CA ALA A 251 -0.40 -1.62 -9.30
C ALA A 251 -1.16 -0.30 -9.34
N ASN A 252 -2.49 -0.36 -9.20
CA ASN A 252 -3.26 0.85 -9.31
C ASN A 252 -2.97 1.72 -8.08
N TYR A 253 -2.52 1.08 -6.99
CA TYR A 253 -2.25 1.81 -5.75
C TYR A 253 -0.83 2.36 -5.68
N CYS A 254 -0.13 2.31 -6.79
CA CYS A 254 1.17 2.95 -6.88
C CYS A 254 0.99 4.41 -7.19
N PHE A 255 -0.15 4.71 -7.82
CA PHE A 255 -0.47 6.04 -8.34
C PHE A 255 0.66 6.60 -9.17
N ALA A 256 1.31 5.77 -10.00
CA ALA A 256 2.28 6.31 -10.95
C ALA A 256 1.53 7.18 -11.96
N SER A 257 2.26 7.89 -12.80
CA SER A 257 1.71 8.97 -13.57
C SER A 257 2.73 9.07 -14.68
N ARG A 258 2.43 9.88 -15.70
CA ARG A 258 3.28 10.03 -16.89
C ARG A 258 4.62 10.69 -16.51
N LEU A 259 4.53 11.69 -15.63
CA LEU A 259 5.69 12.46 -15.20
C LEU A 259 6.62 11.58 -14.38
N LYS A 260 6.05 10.75 -13.48
CA LYS A 260 6.81 9.75 -12.74
C LYS A 260 6.30 8.33 -13.03
N ASN A 261 6.80 7.77 -14.13
CA ASN A 261 6.27 6.50 -14.58
C ASN A 261 6.96 5.29 -13.92
N THR A 262 7.79 5.53 -12.90
CA THR A 262 8.39 4.44 -12.15
C THR A 262 7.67 4.24 -10.84
N GLY A 263 7.17 3.01 -10.60
CA GLY A 263 6.54 2.59 -9.32
C GLY A 263 7.08 1.28 -8.74
N LEU A 264 6.80 0.99 -7.48
CA LEU A 264 7.23 -0.29 -6.91
C LEU A 264 6.04 -1.22 -6.63
N LEU A 265 6.22 -2.51 -6.87
CA LEU A 265 5.28 -3.54 -6.37
C LEU A 265 5.94 -4.50 -5.37
N LEU A 266 5.31 -4.76 -4.29
CA LEU A 266 5.79 -5.76 -3.37
C LEU A 266 5.08 -7.11 -3.48
N LEU A 267 5.87 -8.18 -3.53
CA LEU A 267 5.27 -9.55 -3.38
C LEU A 267 5.61 -10.11 -2.02
N SER A 268 4.61 -10.65 -1.35
CA SER A 268 4.80 -11.25 -0.04
C SER A 268 4.23 -12.66 -0.01
N GLU A 269 4.85 -13.52 0.81
CA GLU A 269 4.27 -14.81 1.16
C GLU A 269 3.28 -14.50 2.27
N VAL A 270 2.01 -14.83 2.08
CA VAL A 270 1.01 -14.49 3.03
C VAL A 270 0.41 -15.82 3.50
N ALA A 271 0.45 -16.05 4.82
CA ALA A 271 -0.14 -17.22 5.41
C ALA A 271 -1.66 -17.02 5.57
N LEU A 272 -2.45 -17.40 4.55
CA LEU A 272 -3.91 -17.20 4.58
C LEU A 272 -4.69 -18.13 5.46
N GLY A 273 -4.17 -19.34 5.71
CA GLY A 273 -4.89 -20.33 6.53
C GLY A 273 -6.23 -20.54 5.87
N GLN A 274 -7.28 -20.78 6.65
CA GLN A 274 -8.66 -20.86 6.09
C GLN A 274 -9.24 -19.44 5.93
N CYS A 275 -9.66 -19.16 4.71
CA CYS A 275 -10.24 -17.91 4.32
C CYS A 275 -11.71 -17.92 4.71
N ASN A 276 -12.20 -16.79 5.19
CA ASN A 276 -13.61 -16.52 5.28
C ASN A 276 -13.95 -15.87 3.96
N GLU A 277 -14.73 -16.54 3.14
CA GLU A 277 -14.95 -16.05 1.78
C GLU A 277 -16.21 -15.21 1.82
N LEU A 278 -16.12 -14.00 1.30
CA LEU A 278 -17.19 -13.06 1.32
C LEU A 278 -17.42 -12.51 -0.06
N LEU A 279 -18.70 -12.49 -0.42
CA LEU A 279 -19.17 -12.01 -1.70
C LEU A 279 -19.22 -10.46 -1.66
N GLU A 280 -19.69 -9.92 -0.53
CA GLU A 280 -20.03 -8.49 -0.42
C GLU A 280 -19.23 -7.82 0.67
N ALA A 281 -18.88 -6.56 0.43
CA ALA A 281 -18.21 -5.75 1.45
C ALA A 281 -18.79 -5.92 2.85
N ASN A 282 -17.95 -6.00 3.88
CA ASN A 282 -18.44 -5.90 5.25
C ASN A 282 -17.38 -5.27 6.18
N PRO A 283 -17.48 -3.94 6.48
CA PRO A 283 -16.43 -3.39 7.36
C PRO A 283 -16.18 -4.08 8.70
N LYS A 284 -17.07 -4.96 9.11
CA LYS A 284 -16.96 -5.75 10.36
C LYS A 284 -16.42 -7.15 10.10
N ALA A 285 -15.91 -7.37 8.88
CA ALA A 285 -15.35 -8.68 8.48
C ALA A 285 -14.38 -9.38 9.48
N GLU A 286 -13.62 -8.64 10.28
CA GLU A 286 -12.61 -9.30 11.14
C GLU A 286 -13.29 -10.02 12.26
N GLY A 287 -14.45 -9.49 12.66
CA GLY A 287 -15.21 -10.09 13.76
C GLY A 287 -15.80 -11.42 13.31
N LEU A 288 -16.05 -11.52 12.01
CA LEU A 288 -16.69 -12.71 11.42
C LEU A 288 -15.82 -13.97 11.37
N LEU A 289 -14.55 -13.87 11.75
CA LEU A 289 -13.57 -14.95 11.58
C LEU A 289 -13.91 -16.23 12.35
N GLN A 290 -14.19 -16.05 13.64
CA GLN A 290 -14.49 -17.16 14.56
C GLN A 290 -13.70 -18.40 14.18
N GLY A 291 -12.37 -18.34 14.42
CA GLY A 291 -11.46 -19.47 14.11
C GLY A 291 -10.75 -19.48 12.74
N LYS A 292 -11.34 -18.86 11.73
CA LYS A 292 -10.66 -18.72 10.43
C LYS A 292 -9.52 -17.68 10.52
N HIS A 293 -8.67 -17.56 9.47
CA HIS A 293 -7.47 -16.71 9.55
C HIS A 293 -7.38 -15.55 8.59
N SER A 294 -8.30 -15.45 7.65
CA SER A 294 -8.23 -14.38 6.73
C SER A 294 -9.53 -14.19 6.03
N THR A 295 -9.67 -13.05 5.37
CA THR A 295 -10.85 -12.82 4.61
C THR A 295 -10.46 -12.85 3.20
N LYS A 296 -11.29 -13.50 2.38
CA LYS A 296 -11.11 -13.39 0.94
C LYS A 296 -12.33 -12.74 0.35
N GLY A 297 -12.13 -11.65 -0.36
CA GLY A 297 -13.26 -11.04 -1.03
C GLY A 297 -13.28 -11.59 -2.42
N LEU A 298 -14.44 -12.14 -2.79
CA LEU A 298 -14.56 -13.04 -3.93
C LEU A 298 -14.79 -12.29 -5.21
N GLY A 299 -13.80 -12.25 -6.06
CA GLY A 299 -13.91 -11.58 -7.35
C GLY A 299 -14.59 -12.42 -8.43
N LYS A 300 -15.22 -11.74 -9.37
CA LYS A 300 -15.82 -12.27 -10.55
C LYS A 300 -14.81 -13.03 -11.43
N MET A 301 -13.62 -12.43 -11.58
CA MET A 301 -12.53 -12.99 -12.39
C MET A 301 -11.35 -13.34 -11.49
N ALA A 302 -10.49 -14.26 -11.93
CA ALA A 302 -9.44 -14.83 -11.08
C ALA A 302 -8.55 -15.85 -11.76
N PRO A 303 -7.28 -15.95 -11.31
CA PRO A 303 -6.44 -17.00 -11.82
C PRO A 303 -7.02 -18.31 -11.34
N SER A 304 -6.87 -19.33 -12.19
CA SER A 304 -7.36 -20.67 -11.85
C SER A 304 -6.19 -21.57 -11.47
N SER A 305 -6.46 -22.36 -10.44
CA SER A 305 -5.47 -23.18 -9.79
C SER A 305 -4.77 -24.10 -10.74
N ALA A 306 -5.33 -24.36 -11.92
CA ALA A 306 -4.67 -25.22 -12.89
C ALA A 306 -3.34 -24.63 -13.34
N HIS A 307 -3.23 -23.30 -13.34
CA HIS A 307 -2.01 -22.59 -13.84
C HIS A 307 -1.00 -22.25 -12.78
N PHE A 308 -1.27 -22.63 -11.55
CA PHE A 308 -0.45 -22.19 -10.44
C PHE A 308 0.91 -22.90 -10.38
N VAL A 309 1.94 -22.18 -10.00
CA VAL A 309 3.22 -22.80 -9.76
C VAL A 309 3.55 -22.51 -8.31
N THR A 310 4.79 -22.79 -7.90
CA THR A 310 5.23 -22.53 -6.56
C THR A 310 6.58 -21.86 -6.56
N LEU A 311 6.79 -21.05 -5.54
CA LEU A 311 8.08 -20.45 -5.40
C LEU A 311 8.39 -20.50 -3.93
N ASN A 312 9.39 -21.33 -3.60
CA ASN A 312 9.71 -21.55 -2.19
C ASN A 312 8.58 -22.04 -1.35
N GLY A 313 7.74 -22.94 -1.85
CA GLY A 313 6.54 -23.36 -1.08
C GLY A 313 5.38 -22.35 -0.92
N SER A 314 5.44 -21.20 -1.56
CA SER A 314 4.20 -20.46 -1.68
C SER A 314 3.56 -20.72 -3.03
N THR A 315 2.24 -20.73 -3.05
CA THR A 315 1.54 -20.80 -4.33
C THR A 315 1.59 -19.44 -5.02
N VAL A 316 1.97 -19.43 -6.30
CA VAL A 316 2.06 -18.27 -7.14
C VAL A 316 0.85 -18.35 -8.11
N PRO A 317 -0.18 -17.50 -7.95
CA PRO A 317 -1.36 -17.77 -8.80
C PRO A 317 -1.25 -17.16 -10.20
N LEU A 318 -0.53 -17.85 -11.07
CA LEU A 318 -0.32 -17.31 -12.39
C LEU A 318 -1.62 -17.14 -13.17
N GLY A 319 -1.65 -16.19 -14.09
CA GLY A 319 -2.86 -15.98 -14.89
C GLY A 319 -2.77 -16.79 -16.20
N PRO A 320 -3.61 -16.42 -17.19
CA PRO A 320 -4.54 -15.29 -17.17
C PRO A 320 -5.69 -15.56 -16.21
N ALA A 321 -6.37 -14.51 -15.79
CA ALA A 321 -7.63 -14.59 -15.04
C ALA A 321 -8.79 -15.11 -15.92
N SER A 322 -9.70 -15.84 -15.28
CA SER A 322 -10.90 -16.33 -15.97
C SER A 322 -12.09 -16.24 -15.00
N ASP A 323 -13.30 -16.39 -15.54
CA ASP A 323 -14.50 -16.14 -14.75
C ASP A 323 -14.64 -17.22 -13.70
N THR A 324 -15.10 -16.83 -12.52
CA THR A 324 -15.12 -17.71 -11.40
C THR A 324 -16.51 -18.14 -11.10
N GLY A 325 -17.47 -17.66 -11.90
CA GLY A 325 -18.89 -17.86 -11.61
C GLY A 325 -19.41 -17.26 -10.30
N ILE A 326 -18.68 -16.29 -9.72
CA ILE A 326 -19.27 -15.51 -8.65
C ILE A 326 -20.06 -14.32 -9.23
N LEU A 327 -21.31 -14.12 -8.77
CA LEU A 327 -22.12 -12.99 -9.25
C LEU A 327 -23.12 -12.57 -8.19
N ASN A 328 -23.60 -11.34 -8.28
CA ASN A 328 -24.53 -10.86 -7.25
C ASN A 328 -25.72 -10.11 -7.85
N GLY A 331 -26.89 -6.94 -5.99
CA GLY A 331 -25.93 -5.95 -5.48
C GLY A 331 -24.55 -5.76 -6.14
N TYR A 332 -23.57 -5.37 -5.33
CA TYR A 332 -22.20 -5.12 -5.81
C TYR A 332 -21.34 -6.38 -5.93
N THR A 333 -20.51 -6.43 -6.98
CA THR A 333 -19.58 -7.55 -7.10
C THR A 333 -18.11 -7.17 -7.37
N LEU A 334 -17.20 -7.75 -6.60
CA LEU A 334 -15.77 -7.46 -6.78
C LEU A 334 -15.31 -7.92 -8.14
N ASN A 335 -14.58 -7.07 -8.84
CA ASN A 335 -13.99 -7.43 -10.12
C ASN A 335 -12.96 -8.57 -10.05
N TYR A 336 -12.11 -8.56 -9.01
CA TYR A 336 -11.00 -9.50 -8.83
C TYR A 336 -10.87 -9.73 -7.34
N ASN A 337 -10.24 -10.83 -6.92
CA ASN A 337 -10.16 -11.14 -5.51
C ASN A 337 -9.45 -10.04 -4.73
N GLU A 338 -9.64 -10.00 -3.42
CA GLU A 338 -8.61 -9.38 -2.67
C GLU A 338 -8.54 -10.13 -1.36
N TYR A 339 -7.37 -10.11 -0.71
CA TYR A 339 -7.21 -10.98 0.47
C TYR A 339 -6.83 -10.10 1.62
N ILE A 340 -7.30 -10.45 2.81
CA ILE A 340 -6.99 -9.60 3.93
C ILE A 340 -6.52 -10.45 5.11
N VAL A 341 -5.41 -10.07 5.75
CA VAL A 341 -5.05 -10.65 7.03
C VAL A 341 -4.90 -9.56 8.14
N TYR A 342 -4.96 -9.98 9.39
CA TYR A 342 -5.22 -9.05 10.44
C TYR A 342 -4.08 -8.98 11.45
N ASN A 343 -3.00 -9.71 11.14
CA ASN A 343 -1.78 -9.72 11.90
C ASN A 343 -0.56 -9.74 10.95
N PRO A 344 0.41 -8.81 11.14
CA PRO A 344 1.59 -8.80 10.31
C PRO A 344 2.34 -10.12 10.34
N ASN A 345 2.23 -10.85 11.43
CA ASN A 345 2.83 -12.18 11.46
C ASN A 345 2.31 -13.23 10.40
N GLN A 346 1.27 -12.88 9.66
CA GLN A 346 0.86 -13.66 8.49
C GLN A 346 1.47 -13.20 7.18
N VAL A 347 2.45 -12.32 7.25
CA VAL A 347 3.07 -11.75 6.06
C VAL A 347 4.62 -11.86 6.16
N ARG A 348 5.23 -12.23 5.05
CA ARG A 348 6.66 -12.25 4.92
C ARG A 348 7.01 -11.70 3.56
N MET A 349 7.55 -10.49 3.56
CA MET A 349 7.83 -9.78 2.32
C MET A 349 8.92 -10.53 1.57
N ARG A 350 8.86 -10.54 0.23
CA ARG A 350 9.72 -11.48 -0.48
C ARG A 350 10.43 -10.98 -1.73
N TYR A 351 9.70 -10.23 -2.56
CA TYR A 351 10.27 -9.57 -3.76
C TYR A 351 9.77 -8.14 -3.82
N LEU A 352 10.62 -7.27 -4.31
CA LEU A 352 10.16 -5.90 -4.58
C LEU A 352 10.53 -5.72 -6.01
N LEU A 353 9.56 -5.25 -6.79
CA LEU A 353 9.68 -5.06 -8.22
C LEU A 353 9.70 -3.57 -8.47
N LYS A 354 10.68 -3.14 -9.25
CA LYS A 354 10.82 -1.76 -9.72
C LYS A 354 10.23 -1.79 -11.11
N VAL A 355 9.19 -0.99 -11.33
CA VAL A 355 8.33 -1.18 -12.49
C VAL A 355 8.18 0.11 -13.27
N GLN A 356 8.44 0.07 -14.57
CA GLN A 356 8.18 1.21 -15.46
C GLN A 356 6.74 1.10 -16.02
N PHE A 357 5.88 2.04 -15.63
CA PHE A 357 4.54 2.15 -16.19
C PHE A 357 4.60 2.88 -17.55
N ASN A 358 4.05 2.25 -18.59
CA ASN A 358 3.95 2.89 -19.89
C ASN A 358 2.51 3.24 -20.15
N PHE A 359 2.18 4.54 -20.09
CA PHE A 359 0.78 4.96 -20.21
C PHE A 359 0.35 5.09 -21.66
N LEU A 360 -0.92 4.80 -21.93
CA LEU A 360 -1.41 4.76 -23.30
C LEU A 360 -2.46 5.82 -23.48
N GLN A 361 -2.54 6.38 -24.68
CA GLN A 361 -3.52 7.41 -24.95
C GLN A 361 -4.68 6.86 -25.79
N LEU A 362 -5.72 6.35 -25.13
CA LEU A 362 -6.73 5.51 -25.81
C LEU A 362 -8.12 6.12 -25.78
N TRP A 363 -8.90 5.89 -26.85
CA TRP A 363 -10.23 6.48 -26.98
C TRP A 363 -11.22 5.71 -27.88
C25 D7N B . -10.46 3.27 2.18
C24 D7N B . -11.18 3.95 3.38
C23 D7N B . -10.23 4.75 4.32
F26 D7N B . -10.78 5.28 5.36
F27 D7N B . -9.73 5.80 3.79
C22 D7N B . -8.99 3.93 4.70
C21 D7N B . -8.29 3.34 3.45
C20 D7N B . -9.30 2.40 2.76
N16 D7N B . -8.64 1.48 1.81
C15 D7N B . -7.62 2.06 0.85
C14 D7N B . -7.09 1.00 -0.14
C17 D7N B . -8.08 0.35 2.57
C18 D7N B . -7.74 -0.73 1.65
C13 D7N B . -6.67 -0.28 0.67
N10 D7N B . -6.40 -1.38 -0.26
C9 D7N B . -7.33 -2.33 -0.87
C11 D7N B . -5.22 -1.60 -0.80
O12 D7N B . -4.27 -0.95 -0.39
C7 D7N B . -5.19 -2.70 -1.64
C8 D7N B . -6.49 -3.16 -1.66
C3 D7N B . -6.84 -4.25 -2.38
C2 D7N B . -5.89 -4.95 -3.11
F5 D7N B . -6.30 -6.04 -3.83
C1 D7N B . -4.55 -4.52 -3.12
C4 D7N B . -4.19 -3.37 -2.36
C6 D7N B . -2.82 -3.01 -2.45
O28 D7N B . -2.04 -3.66 -3.20
N19 D7N B . -2.42 -1.91 -1.81
#